data_1TGV
#
_entry.id   1TGV
#
_cell.length_a   149.972
_cell.length_b   149.972
_cell.length_c   49.566
_cell.angle_alpha   90.00
_cell.angle_beta   90.00
_cell.angle_gamma   120.00
#
_symmetry.space_group_name_H-M   'H 3'
#
loop_
_entity.id
_entity.type
_entity.pdbx_description
1 polymer 'uridine phosphorylase'
2 non-polymer 'SULFATE ION'
3 non-polymer 'POTASSIUM ION'
4 non-polymer 5-FLUOROURIDINE
5 water water
#
_entity_poly.entity_id   1
_entity_poly.type   'polypeptide(L)'
_entity_poly.pdbx_seq_one_letter_code
;GSHMSKSDVFHLGLTKNDLQGATLAIVPGDPDRVEKIAALMDKPVKLASHREFTTWRAELDGKPVIVCSTGIGGPSTSIA
VEELAQLGIRTFLRIGTTGAIQPHINVGDVLVTTASVRLDGASLHFAPLEFPAVADFECTTALVEAAKSIGATTHVGVTA
SSDTFYPGQERYDTYSGRVVRHFKGSMEEWQAMGVMNYEMESATLLTMCASQGLRAGMVAGVIVNRTQQEIPNAETMKQT
ESHAVKIVVEAARRLL
;
_entity_poly.pdbx_strand_id   A,B
#
# COMPACT_ATOMS: atom_id res chain seq x y z
N SER A 7 12.02 17.38 9.44
CA SER A 7 11.47 16.00 9.65
C SER A 7 12.53 15.01 10.11
N ASP A 8 12.22 14.30 11.19
CA ASP A 8 13.14 13.32 11.74
C ASP A 8 12.97 11.93 11.12
N VAL A 9 12.00 11.79 10.23
CA VAL A 9 11.76 10.53 9.55
C VAL A 9 11.75 10.74 8.04
N PHE A 10 11.96 9.67 7.28
CA PHE A 10 12.00 9.81 5.83
C PHE A 10 10.67 10.07 5.13
N HIS A 11 9.59 9.47 5.60
CA HIS A 11 8.31 9.67 4.91
C HIS A 11 7.24 10.52 5.59
N LEU A 12 7.02 10.33 6.88
CA LEU A 12 5.97 11.04 7.58
C LEU A 12 6.10 12.56 7.72
N GLY A 13 7.30 13.08 7.55
CA GLY A 13 7.49 14.53 7.66
C GLY A 13 7.07 15.02 9.03
N LEU A 14 7.53 14.32 10.06
CA LEU A 14 7.20 14.67 11.43
C LEU A 14 8.46 14.71 12.27
N THR A 15 8.43 15.53 13.32
CA THR A 15 9.56 15.65 14.22
C THR A 15 9.11 15.14 15.58
N LYS A 16 10.05 14.62 16.36
CA LYS A 16 9.75 14.11 17.69
C LYS A 16 8.92 15.11 18.48
N ASN A 17 9.28 16.38 18.37
CA ASN A 17 8.56 17.43 19.08
C ASN A 17 7.10 17.55 18.69
N ASP A 18 6.79 17.25 17.43
CA ASP A 18 5.41 17.34 16.94
C ASP A 18 4.45 16.51 17.79
N LEU A 19 4.90 15.33 18.23
CA LEU A 19 4.09 14.42 19.02
C LEU A 19 3.87 14.84 20.47
N GLN A 20 4.67 15.78 20.94
CA GLN A 20 4.55 16.26 22.31
C GLN A 20 4.43 15.14 23.33
N GLY A 21 5.29 14.13 23.20
CA GLY A 21 5.28 13.02 24.14
C GLY A 21 4.24 11.93 23.91
N ALA A 22 3.52 11.99 22.80
CA ALA A 22 2.50 10.99 22.50
C ALA A 22 3.14 9.60 22.36
N THR A 23 2.47 8.57 22.87
CA THR A 23 2.98 7.21 22.80
C THR A 23 1.97 6.24 22.17
N LEU A 24 0.78 6.75 21.87
CA LEU A 24 -0.25 5.93 21.25
C LEU A 24 -0.73 6.60 19.97
N ALA A 25 -0.98 5.79 18.95
CA ALA A 25 -1.45 6.30 17.67
C ALA A 25 -2.58 5.45 17.12
N ILE A 26 -3.59 6.12 16.57
CA ILE A 26 -4.71 5.44 15.96
C ILE A 26 -4.33 5.50 14.49
N VAL A 27 -4.31 4.35 13.83
CA VAL A 27 -3.90 4.31 12.43
C VAL A 27 -4.91 3.77 11.44
N PRO A 28 -5.71 4.67 10.84
CA PRO A 28 -6.72 4.25 9.86
C PRO A 28 -6.00 4.04 8.52
N GLY A 29 -6.63 3.35 7.59
CA GLY A 29 -5.98 3.11 6.31
C GLY A 29 -6.15 4.27 5.36
N ASP A 30 -7.31 4.92 5.42
CA ASP A 30 -7.65 6.03 4.54
C ASP A 30 -7.30 7.42 5.10
N PRO A 31 -6.47 8.18 4.38
CA PRO A 31 -6.05 9.52 4.79
C PRO A 31 -7.22 10.43 5.17
N ASP A 32 -8.31 10.32 4.45
CA ASP A 32 -9.49 11.13 4.67
C ASP A 32 -10.20 10.88 6.01
N ARG A 33 -9.89 9.77 6.67
CA ARG A 33 -10.51 9.45 7.94
C ARG A 33 -9.73 10.00 9.13
N VAL A 34 -8.48 10.41 8.89
CA VAL A 34 -7.63 10.93 9.96
C VAL A 34 -8.27 12.10 10.71
N GLU A 35 -8.76 13.09 9.98
CA GLU A 35 -9.38 14.25 10.60
C GLU A 35 -10.65 13.89 11.37
N LYS A 36 -11.42 12.96 10.82
CA LYS A 36 -12.66 12.54 11.46
C LYS A 36 -12.38 11.99 12.85
N ILE A 37 -11.35 11.15 12.93
CA ILE A 37 -10.94 10.52 14.18
C ILE A 37 -10.40 11.56 15.16
N ALA A 38 -9.59 12.47 14.65
CA ALA A 38 -9.02 13.51 15.50
C ALA A 38 -10.10 14.43 16.04
N ALA A 39 -11.15 14.65 15.25
CA ALA A 39 -12.24 15.54 15.63
C ALA A 39 -13.02 15.12 16.87
N LEU A 40 -12.96 13.84 17.22
CA LEU A 40 -13.66 13.35 18.41
C LEU A 40 -12.87 13.66 19.67
N MET A 41 -11.64 14.12 19.48
CA MET A 41 -10.78 14.42 20.63
C MET A 41 -10.60 15.93 20.79
N ASP A 42 -9.80 16.33 21.76
CA ASP A 42 -9.58 17.75 22.01
C ASP A 42 -8.37 18.37 21.31
N LYS A 43 -8.49 19.66 21.02
CA LYS A 43 -7.42 20.42 20.38
C LYS A 43 -6.80 19.69 19.19
N PRO A 44 -7.63 19.21 18.26
CA PRO A 44 -7.09 18.49 17.09
C PRO A 44 -6.34 19.43 16.17
N VAL A 45 -5.16 19.01 15.74
CA VAL A 45 -4.36 19.83 14.83
C VAL A 45 -3.67 18.96 13.79
N LYS A 46 -3.66 19.43 12.54
CA LYS A 46 -3.03 18.70 11.46
C LYS A 46 -1.52 18.91 11.55
N LEU A 47 -0.75 17.84 11.46
CA LEU A 47 0.70 17.95 11.55
C LEU A 47 1.42 17.87 10.21
N ALA A 48 0.98 16.95 9.34
CA ALA A 48 1.61 16.79 8.05
C ALA A 48 0.78 15.96 7.08
N SER A 49 1.15 16.04 5.81
CA SER A 49 0.48 15.30 4.75
C SER A 49 1.49 15.04 3.63
N HIS A 50 1.91 13.79 3.48
CA HIS A 50 2.85 13.41 2.43
C HIS A 50 2.50 12.03 1.92
N ARG A 51 2.41 11.90 0.59
CA ARG A 51 2.04 10.62 0.01
C ARG A 51 0.72 10.21 0.67
N GLU A 52 0.57 8.93 1.01
CA GLU A 52 -0.66 8.48 1.66
C GLU A 52 -0.62 8.66 3.17
N PHE A 53 0.41 9.34 3.67
CA PHE A 53 0.54 9.55 5.11
C PHE A 53 0.07 10.92 5.62
N THR A 54 -1.12 10.95 6.21
CA THR A 54 -1.68 12.17 6.77
C THR A 54 -1.67 12.02 8.30
N THR A 55 -1.09 12.98 9.00
CA THR A 55 -1.02 12.91 10.46
C THR A 55 -1.69 14.10 11.15
N TRP A 56 -2.36 13.82 12.26
CA TRP A 56 -3.03 14.82 13.07
C TRP A 56 -2.69 14.49 14.52
N ARG A 57 -2.76 15.50 15.38
CA ARG A 57 -2.48 15.31 16.79
C ARG A 57 -3.71 15.82 17.53
N ALA A 58 -4.00 15.22 18.68
CA ALA A 58 -5.15 15.65 19.46
C ALA A 58 -4.97 15.22 20.91
N GLU A 59 -5.84 15.71 21.77
CA GLU A 59 -5.76 15.38 23.18
C GLU A 59 -6.91 14.51 23.63
N LEU A 60 -6.58 13.53 24.46
CA LEU A 60 -7.55 12.60 24.99
C LEU A 60 -7.26 12.49 26.48
N ASP A 61 -8.17 13.04 27.29
CA ASP A 61 -8.01 13.02 28.75
C ASP A 61 -6.71 13.71 29.15
N GLY A 62 -6.36 14.77 28.43
CA GLY A 62 -5.16 15.51 28.74
C GLY A 62 -3.89 14.86 28.24
N LYS A 63 -4.02 13.82 27.42
CA LYS A 63 -2.86 13.14 26.88
C LYS A 63 -2.80 13.30 25.38
N PRO A 64 -1.64 13.71 24.84
CA PRO A 64 -1.52 13.88 23.39
C PRO A 64 -1.61 12.51 22.69
N VAL A 65 -2.39 12.47 21.61
CA VAL A 65 -2.58 11.25 20.83
C VAL A 65 -2.36 11.54 19.36
N ILE A 66 -1.79 10.57 18.64
CA ILE A 66 -1.55 10.70 17.22
C ILE A 66 -2.54 9.89 16.40
N VAL A 67 -2.84 10.39 15.20
CA VAL A 67 -3.73 9.71 14.26
C VAL A 67 -2.95 9.82 12.95
N CYS A 68 -2.66 8.68 12.33
CA CYS A 68 -1.87 8.66 11.11
C CYS A 68 -2.36 7.58 10.14
N SER A 69 -2.63 7.99 8.90
CA SER A 69 -3.10 7.04 7.89
C SER A 69 -1.93 6.20 7.39
N THR A 70 -2.21 4.92 7.13
CA THR A 70 -1.21 3.98 6.67
C THR A 70 -1.25 3.75 5.17
N GLY A 71 -2.38 4.08 4.56
CA GLY A 71 -2.55 3.82 3.15
C GLY A 71 -2.96 2.36 3.07
N ILE A 72 -3.31 1.87 1.89
CA ILE A 72 -3.73 0.47 1.77
C ILE A 72 -2.53 -0.48 1.66
N GLY A 73 -2.56 -1.56 2.42
CA GLY A 73 -1.49 -2.55 2.34
C GLY A 73 -0.39 -2.53 3.39
N GLY A 74 0.19 -3.71 3.61
CA GLY A 74 1.26 -3.85 4.58
C GLY A 74 2.49 -3.01 4.30
N PRO A 75 2.88 -2.83 3.03
CA PRO A 75 4.07 -2.02 2.71
C PRO A 75 4.00 -0.61 3.29
N SER A 76 2.98 0.15 2.91
CA SER A 76 2.85 1.50 3.42
C SER A 76 2.61 1.49 4.93
N THR A 77 1.92 0.46 5.40
CA THR A 77 1.63 0.31 6.83
C THR A 77 2.92 0.16 7.64
N SER A 78 3.86 -0.65 7.14
CA SER A 78 5.11 -0.89 7.84
C SER A 78 5.98 0.35 7.92
N ILE A 79 5.87 1.21 6.93
CA ILE A 79 6.64 2.44 6.92
C ILE A 79 6.11 3.36 8.01
N ALA A 80 4.81 3.58 7.99
CA ALA A 80 4.17 4.45 8.97
C ALA A 80 4.41 3.99 10.39
N VAL A 81 4.20 2.70 10.64
CA VAL A 81 4.40 2.14 11.98
C VAL A 81 5.85 2.27 12.42
N GLU A 82 6.77 1.93 11.53
CA GLU A 82 8.19 2.01 11.84
C GLU A 82 8.62 3.43 12.18
N GLU A 83 8.22 4.38 11.34
CA GLU A 83 8.60 5.76 11.57
C GLU A 83 7.92 6.39 12.79
N LEU A 84 6.71 5.95 13.09
CA LEU A 84 6.01 6.45 14.26
C LEU A 84 6.70 5.89 15.50
N ALA A 85 7.16 4.65 15.42
CA ALA A 85 7.85 4.02 16.52
C ALA A 85 9.15 4.78 16.77
N GLN A 86 9.84 5.15 15.69
CA GLN A 86 11.07 5.90 15.79
C GLN A 86 10.81 7.20 16.55
N LEU A 87 9.56 7.67 16.47
CA LEU A 87 9.15 8.91 17.13
C LEU A 87 8.57 8.72 18.52
N GLY A 88 8.60 7.50 19.03
CA GLY A 88 8.08 7.27 20.37
C GLY A 88 6.78 6.49 20.54
N ILE A 89 6.00 6.33 19.47
CA ILE A 89 4.76 5.58 19.60
C ILE A 89 5.05 4.13 19.97
N ARG A 90 4.34 3.63 20.98
CA ARG A 90 4.51 2.25 21.46
C ARG A 90 3.22 1.44 21.36
N THR A 91 2.11 2.14 21.15
CA THR A 91 0.81 1.48 21.03
C THR A 91 0.12 1.90 19.75
N PHE A 92 -0.39 0.93 19.00
CA PHE A 92 -1.07 1.23 17.75
C PHE A 92 -2.45 0.58 17.69
N LEU A 93 -3.44 1.38 17.33
CA LEU A 93 -4.81 0.89 17.21
C LEU A 93 -5.29 1.15 15.80
N ARG A 94 -5.52 0.08 15.05
CA ARG A 94 -6.00 0.23 13.69
C ARG A 94 -7.53 0.16 13.61
N ILE A 95 -8.09 1.12 12.89
CA ILE A 95 -9.53 1.14 12.67
C ILE A 95 -9.70 1.12 11.16
N GLY A 96 -10.36 0.08 10.66
CA GLY A 96 -10.55 -0.01 9.22
C GLY A 96 -11.96 -0.37 8.79
N THR A 97 -12.06 -0.75 7.51
CA THR A 97 -13.31 -1.16 6.89
C THR A 97 -13.05 -2.60 6.49
N THR A 98 -14.09 -3.42 6.45
CA THR A 98 -13.88 -4.82 6.11
C THR A 98 -15.05 -5.53 5.46
N GLY A 99 -14.75 -6.66 4.83
CA GLY A 99 -15.78 -7.46 4.19
C GLY A 99 -15.96 -8.75 4.97
N ALA A 100 -17.17 -8.97 5.47
CA ALA A 100 -17.44 -10.18 6.25
C ALA A 100 -17.63 -11.36 5.32
N ILE A 101 -17.25 -12.54 5.79
CA ILE A 101 -17.39 -13.75 4.99
C ILE A 101 -18.21 -14.82 5.72
N GLN A 102 -18.85 -14.43 6.83
CA GLN A 102 -19.69 -15.34 7.60
C GLN A 102 -21.13 -14.84 7.52
N PRO A 103 -22.10 -15.76 7.41
CA PRO A 103 -23.53 -15.43 7.32
C PRO A 103 -24.10 -14.69 8.52
N HIS A 104 -23.70 -15.09 9.72
CA HIS A 104 -24.20 -14.49 10.95
C HIS A 104 -23.70 -13.09 11.24
N ILE A 105 -22.76 -12.59 10.45
CA ILE A 105 -22.23 -11.25 10.66
C ILE A 105 -22.94 -10.30 9.70
N ASN A 106 -23.41 -9.17 10.21
CA ASN A 106 -24.12 -8.20 9.37
C ASN A 106 -23.36 -6.92 9.11
N VAL A 107 -23.69 -6.27 8.00
CA VAL A 107 -23.08 -5.00 7.65
C VAL A 107 -23.42 -4.07 8.81
N GLY A 108 -22.45 -3.27 9.24
CA GLY A 108 -22.68 -2.37 10.35
C GLY A 108 -22.09 -2.93 11.63
N ASP A 109 -21.90 -4.24 11.68
CA ASP A 109 -21.32 -4.88 12.84
C ASP A 109 -19.85 -4.46 12.96
N VAL A 110 -19.30 -4.59 14.17
CA VAL A 110 -17.92 -4.23 14.43
C VAL A 110 -17.12 -5.50 14.71
N LEU A 111 -15.95 -5.62 14.08
CA LEU A 111 -15.13 -6.82 14.28
C LEU A 111 -13.80 -6.52 14.96
N VAL A 112 -13.48 -7.32 15.97
CA VAL A 112 -12.22 -7.17 16.69
C VAL A 112 -11.38 -8.39 16.35
N THR A 113 -10.19 -8.14 15.81
CA THR A 113 -9.27 -9.19 15.41
C THR A 113 -8.33 -9.64 16.52
N THR A 114 -8.37 -10.93 16.83
CA THR A 114 -7.51 -11.51 17.86
C THR A 114 -6.17 -11.87 17.22
N ALA A 115 -6.22 -12.33 15.98
CA ALA A 115 -5.03 -12.71 15.23
C ALA A 115 -5.41 -12.78 13.75
N SER A 116 -4.43 -12.77 12.87
CA SER A 116 -4.73 -12.78 11.45
C SER A 116 -4.04 -13.84 10.61
N VAL A 117 -4.74 -14.26 9.55
CA VAL A 117 -4.20 -15.22 8.61
C VAL A 117 -3.27 -14.33 7.77
N ARG A 118 -1.99 -14.71 7.68
CA ARG A 118 -1.04 -13.89 6.94
C ARG A 118 -0.99 -14.10 5.44
N LEU A 119 -1.80 -13.35 4.72
CA LEU A 119 -1.84 -13.46 3.26
C LEU A 119 -1.13 -12.25 2.67
N ASP A 120 -0.16 -11.73 3.42
CA ASP A 120 0.62 -10.57 3.01
C ASP A 120 2.07 -10.96 2.86
N GLY A 121 2.88 -10.00 2.42
CA GLY A 121 4.30 -10.27 2.27
C GLY A 121 5.15 -9.53 3.30
N ALA A 122 4.67 -8.38 3.75
CA ALA A 122 5.41 -7.56 4.70
C ALA A 122 5.64 -8.20 6.08
N SER A 123 4.65 -8.92 6.58
CA SER A 123 4.81 -9.57 7.88
C SER A 123 6.02 -10.50 7.86
N LEU A 124 6.29 -11.10 6.70
CA LEU A 124 7.42 -12.00 6.55
C LEU A 124 8.75 -11.27 6.67
N HIS A 125 8.72 -9.94 6.57
CA HIS A 125 9.95 -9.18 6.68
C HIS A 125 10.27 -8.89 8.13
N PHE A 126 9.43 -9.38 9.04
CA PHE A 126 9.64 -9.18 10.47
C PHE A 126 9.72 -10.50 11.22
N ALA A 127 8.98 -11.50 10.73
CA ALA A 127 8.99 -12.82 11.37
C ALA A 127 8.56 -13.90 10.37
N PRO A 128 9.18 -15.09 10.46
CA PRO A 128 8.81 -16.17 9.53
C PRO A 128 7.32 -16.47 9.65
N LEU A 129 6.77 -17.14 8.63
CA LEU A 129 5.34 -17.44 8.60
C LEU A 129 4.76 -18.17 9.83
N GLU A 130 5.54 -19.01 10.47
CA GLU A 130 5.05 -19.72 11.64
C GLU A 130 4.75 -18.82 12.85
N PHE A 131 5.25 -17.59 12.83
CA PHE A 131 4.99 -16.67 13.94
C PHE A 131 3.56 -16.16 13.79
N PRO A 132 2.79 -16.11 14.90
CA PRO A 132 1.41 -15.62 14.80
C PRO A 132 1.23 -14.11 14.70
N ALA A 133 0.32 -13.70 13.82
CA ALA A 133 0.00 -12.29 13.65
C ALA A 133 -1.08 -12.02 14.71
N VAL A 134 -0.69 -12.10 15.98
CA VAL A 134 -1.61 -11.91 17.09
C VAL A 134 -1.65 -10.49 17.63
N ALA A 135 -2.83 -10.05 18.06
CA ALA A 135 -3.02 -8.71 18.60
C ALA A 135 -2.62 -8.71 20.08
N ASP A 136 -2.27 -7.54 20.59
CA ASP A 136 -1.91 -7.38 21.99
C ASP A 136 -3.15 -7.63 22.85
N PHE A 137 -2.98 -8.41 23.92
CA PHE A 137 -4.11 -8.73 24.79
C PHE A 137 -4.79 -7.52 25.40
N GLU A 138 -4.01 -6.54 25.82
CA GLU A 138 -4.57 -5.34 26.44
C GLU A 138 -5.37 -4.50 25.45
N CYS A 139 -4.84 -4.34 24.23
CA CYS A 139 -5.52 -3.56 23.20
C CYS A 139 -6.81 -4.24 22.78
N THR A 140 -6.76 -5.55 22.61
CA THR A 140 -7.94 -6.33 22.24
C THR A 140 -9.00 -6.16 23.32
N THR A 141 -8.60 -6.30 24.58
CA THR A 141 -9.53 -6.15 25.69
C THR A 141 -10.18 -4.77 25.68
N ALA A 142 -9.37 -3.74 25.53
CA ALA A 142 -9.87 -2.36 25.49
C ALA A 142 -10.90 -2.18 24.37
N LEU A 143 -10.59 -2.74 23.20
CA LEU A 143 -11.48 -2.64 22.06
C LEU A 143 -12.80 -3.35 22.35
N VAL A 144 -12.73 -4.54 22.94
CA VAL A 144 -13.94 -5.29 23.26
C VAL A 144 -14.82 -4.51 24.23
N GLU A 145 -14.23 -4.01 25.31
CA GLU A 145 -14.97 -3.24 26.31
C GLU A 145 -15.55 -1.97 25.69
N ALA A 146 -14.73 -1.27 24.92
CA ALA A 146 -15.17 -0.04 24.27
C ALA A 146 -16.38 -0.32 23.38
N ALA A 147 -16.32 -1.40 22.61
CA ALA A 147 -17.44 -1.76 21.74
C ALA A 147 -18.68 -2.01 22.59
N LYS A 148 -18.49 -2.69 23.72
CA LYS A 148 -19.58 -2.98 24.62
C LYS A 148 -20.15 -1.70 25.22
N SER A 149 -19.26 -0.78 25.61
CA SER A 149 -19.67 0.48 26.22
C SER A 149 -20.68 1.28 25.40
N ILE A 150 -20.69 1.14 24.07
CA ILE A 150 -21.65 1.86 23.25
C ILE A 150 -22.73 0.93 22.70
N GLY A 151 -22.67 -0.34 23.08
CA GLY A 151 -23.66 -1.29 22.62
C GLY A 151 -23.65 -1.66 21.16
N ALA A 152 -22.45 -1.80 20.58
CA ALA A 152 -22.36 -2.17 19.16
C ALA A 152 -22.35 -3.69 19.03
N THR A 153 -22.99 -4.20 17.98
CA THR A 153 -23.00 -5.65 17.79
C THR A 153 -21.59 -6.00 17.37
N THR A 154 -20.89 -6.74 18.24
CA THR A 154 -19.50 -7.09 18.03
C THR A 154 -19.18 -8.57 17.88
N HIS A 155 -18.15 -8.85 17.08
CA HIS A 155 -17.67 -10.21 16.85
C HIS A 155 -16.16 -10.20 17.04
N VAL A 156 -15.66 -11.17 17.80
CA VAL A 156 -14.24 -11.28 18.08
C VAL A 156 -13.70 -12.57 17.47
N GLY A 157 -12.58 -12.47 16.75
CA GLY A 157 -12.01 -13.66 16.15
C GLY A 157 -10.89 -13.41 15.16
N VAL A 158 -10.66 -14.43 14.32
CA VAL A 158 -9.61 -14.39 13.30
C VAL A 158 -10.00 -13.65 12.02
N THR A 159 -9.03 -12.93 11.47
CA THR A 159 -9.24 -12.16 10.24
C THR A 159 -8.21 -12.56 9.18
N ALA A 160 -8.64 -12.61 7.92
CA ALA A 160 -7.75 -12.94 6.80
C ALA A 160 -7.28 -11.60 6.22
N SER A 161 -6.00 -11.32 6.35
CA SER A 161 -5.41 -10.05 5.88
C SER A 161 -4.65 -10.29 4.58
N SER A 162 -5.21 -9.77 3.49
CA SER A 162 -4.67 -9.97 2.14
C SER A 162 -3.92 -8.80 1.48
N ASP A 163 -2.86 -9.13 0.75
CA ASP A 163 -2.07 -8.13 0.03
C ASP A 163 -2.84 -7.60 -1.18
N THR A 164 -3.94 -8.25 -1.54
CA THR A 164 -4.75 -7.79 -2.68
C THR A 164 -6.23 -7.71 -2.32
N PHE A 165 -6.92 -6.79 -2.97
CA PHE A 165 -8.34 -6.59 -2.76
C PHE A 165 -9.14 -7.61 -3.57
N TYR A 166 -8.59 -8.01 -4.72
CA TYR A 166 -9.30 -8.94 -5.59
C TYR A 166 -8.98 -10.44 -5.56
N PRO A 167 -7.92 -10.90 -6.26
CA PRO A 167 -7.69 -12.36 -6.19
C PRO A 167 -7.47 -12.93 -4.78
N GLY A 168 -6.70 -12.22 -3.96
CA GLY A 168 -6.43 -12.69 -2.62
C GLY A 168 -7.68 -12.85 -1.78
N GLN A 169 -8.75 -12.16 -2.17
CA GLN A 169 -10.03 -12.23 -1.46
C GLN A 169 -11.01 -12.96 -2.39
N GLU A 170 -10.41 -13.71 -3.31
CA GLU A 170 -11.13 -14.49 -4.30
C GLU A 170 -12.32 -13.79 -4.96
N ARG A 171 -12.07 -12.60 -5.51
CA ARG A 171 -13.10 -11.86 -6.23
C ARG A 171 -12.88 -12.22 -7.71
N TYR A 172 -13.95 -12.50 -8.44
CA TYR A 172 -13.82 -12.83 -9.87
C TYR A 172 -14.35 -11.72 -10.77
N ASP A 173 -15.09 -10.78 -10.18
CA ASP A 173 -15.63 -9.66 -10.93
C ASP A 173 -14.47 -8.75 -11.29
N THR A 174 -13.51 -9.29 -12.04
CA THR A 174 -12.32 -8.53 -12.42
C THR A 174 -12.04 -8.50 -13.91
N TYR A 175 -10.95 -7.82 -14.27
CA TYR A 175 -10.53 -7.71 -15.65
C TYR A 175 -10.26 -9.10 -16.23
N SER A 176 -9.48 -9.90 -15.52
CA SER A 176 -9.15 -11.24 -15.99
C SER A 176 -10.25 -12.25 -15.65
N GLY A 177 -10.99 -11.96 -14.58
CA GLY A 177 -12.05 -12.87 -14.17
C GLY A 177 -11.47 -14.22 -13.79
N ARG A 178 -10.23 -14.20 -13.34
CA ARG A 178 -9.54 -15.43 -12.97
C ARG A 178 -8.79 -15.26 -11.64
N VAL A 179 -8.66 -16.34 -10.89
CA VAL A 179 -7.94 -16.33 -9.62
C VAL A 179 -6.88 -17.42 -9.66
N VAL A 180 -5.64 -17.03 -9.37
CA VAL A 180 -4.52 -17.98 -9.37
C VAL A 180 -4.84 -19.20 -8.51
N ARG A 181 -4.33 -20.36 -8.91
CA ARG A 181 -4.58 -21.62 -8.22
C ARG A 181 -4.50 -21.57 -6.69
N HIS A 182 -3.41 -21.05 -6.15
CA HIS A 182 -3.24 -20.99 -4.71
C HIS A 182 -4.46 -20.39 -3.99
N PHE A 183 -5.08 -19.38 -4.60
CA PHE A 183 -6.23 -18.74 -3.96
C PHE A 183 -7.61 -19.20 -4.45
N LYS A 184 -7.63 -20.13 -5.40
CA LYS A 184 -8.88 -20.63 -5.91
C LYS A 184 -9.53 -21.45 -4.80
N GLY A 185 -10.80 -21.18 -4.53
CA GLY A 185 -11.53 -21.89 -3.48
C GLY A 185 -11.04 -21.55 -2.08
N SER A 186 -10.23 -20.49 -1.95
CA SER A 186 -9.68 -20.10 -0.65
C SER A 186 -10.67 -19.48 0.33
N MET A 187 -11.62 -18.69 -0.18
CA MET A 187 -12.58 -18.06 0.73
C MET A 187 -13.40 -19.10 1.48
N GLU A 188 -13.83 -20.13 0.77
CA GLU A 188 -14.63 -21.19 1.37
C GLU A 188 -13.84 -21.89 2.48
N GLU A 189 -12.54 -22.03 2.27
CA GLU A 189 -11.66 -22.67 3.24
C GLU A 189 -11.60 -21.82 4.51
N TRP A 190 -11.41 -20.52 4.32
CA TRP A 190 -11.34 -19.60 5.45
C TRP A 190 -12.67 -19.62 6.21
N GLN A 191 -13.77 -19.67 5.46
CA GLN A 191 -15.11 -19.69 6.07
C GLN A 191 -15.29 -20.90 6.95
N ALA A 192 -14.89 -22.07 6.44
CA ALA A 192 -15.01 -23.31 7.22
C ALA A 192 -14.13 -23.24 8.46
N MET A 193 -13.12 -22.39 8.43
CA MET A 193 -12.21 -22.27 9.56
C MET A 193 -12.65 -21.22 10.57
N GLY A 194 -13.78 -20.58 10.30
CA GLY A 194 -14.30 -19.57 11.22
C GLY A 194 -13.78 -18.16 11.03
N VAL A 195 -12.93 -17.93 10.03
CA VAL A 195 -12.42 -16.59 9.81
C VAL A 195 -13.62 -15.66 9.60
N MET A 196 -13.62 -14.52 10.26
CA MET A 196 -14.72 -13.58 10.16
C MET A 196 -14.71 -12.65 8.96
N ASN A 197 -13.53 -12.18 8.56
CA ASN A 197 -13.46 -11.19 7.50
C ASN A 197 -12.16 -11.07 6.73
N TYR A 198 -12.21 -10.19 5.72
CA TYR A 198 -11.08 -9.86 4.85
C TYR A 198 -10.79 -8.37 5.01
N GLU A 199 -9.51 -8.04 5.12
CA GLU A 199 -9.07 -6.66 5.20
C GLU A 199 -7.62 -6.71 4.71
N MET A 200 -6.93 -5.57 4.64
CA MET A 200 -5.59 -5.58 4.08
C MET A 200 -4.38 -5.02 4.84
N GLU A 201 -4.45 -4.87 6.15
CA GLU A 201 -3.30 -4.34 6.88
C GLU A 201 -3.00 -5.02 8.21
N SER A 202 -3.97 -5.73 8.77
CA SER A 202 -3.77 -6.36 10.09
C SER A 202 -2.62 -7.36 10.18
N ALA A 203 -2.44 -8.21 9.17
CA ALA A 203 -1.35 -9.20 9.22
C ALA A 203 -0.02 -8.50 9.42
N THR A 204 0.25 -7.50 8.59
CA THR A 204 1.50 -6.76 8.71
C THR A 204 1.60 -6.02 10.04
N LEU A 205 0.53 -5.31 10.42
CA LEU A 205 0.49 -4.55 11.66
C LEU A 205 0.74 -5.41 12.90
N LEU A 206 -0.07 -6.45 13.07
CA LEU A 206 0.06 -7.30 14.26
C LEU A 206 1.38 -8.04 14.34
N THR A 207 1.86 -8.54 13.22
CA THR A 207 3.12 -9.28 13.21
C THR A 207 4.30 -8.39 13.55
N MET A 208 4.44 -7.29 12.82
CA MET A 208 5.56 -6.40 13.06
C MET A 208 5.53 -5.83 14.47
N CYS A 209 4.34 -5.60 15.03
CA CYS A 209 4.26 -5.08 16.39
C CYS A 209 4.52 -6.18 17.42
N ALA A 210 3.84 -7.31 17.28
CA ALA A 210 4.00 -8.42 18.21
C ALA A 210 5.44 -8.95 18.28
N SER A 211 6.20 -8.77 17.21
CA SER A 211 7.58 -9.27 17.21
C SER A 211 8.63 -8.20 17.55
N GLN A 212 8.17 -6.99 17.85
CA GLN A 212 9.07 -5.89 18.18
C GLN A 212 8.76 -5.14 19.48
N GLY A 213 8.03 -5.78 20.38
CA GLY A 213 7.71 -5.14 21.64
C GLY A 213 6.72 -3.98 21.56
N LEU A 214 5.92 -3.95 20.50
CA LEU A 214 4.93 -2.89 20.33
C LEU A 214 3.54 -3.48 20.51
N ARG A 215 2.65 -2.75 21.19
CA ARG A 215 1.29 -3.23 21.40
C ARG A 215 0.39 -2.77 20.25
N ALA A 216 -0.46 -3.68 19.76
CA ALA A 216 -1.35 -3.33 18.67
C ALA A 216 -2.73 -3.96 18.80
N GLY A 217 -3.73 -3.21 18.37
CA GLY A 217 -5.11 -3.67 18.40
C GLY A 217 -5.70 -3.45 17.02
N MET A 218 -6.75 -4.19 16.69
CA MET A 218 -7.37 -4.09 15.38
C MET A 218 -8.90 -4.17 15.43
N VAL A 219 -9.56 -3.13 14.91
CA VAL A 219 -11.02 -3.11 14.87
C VAL A 219 -11.49 -2.61 13.51
N ALA A 220 -12.54 -3.22 12.98
CA ALA A 220 -13.05 -2.80 11.68
C ALA A 220 -14.58 -2.89 11.58
N GLY A 221 -15.15 -1.98 10.80
CA GLY A 221 -16.59 -1.96 10.60
C GLY A 221 -16.92 -2.67 9.31
N VAL A 222 -17.97 -3.50 9.34
CA VAL A 222 -18.40 -4.25 8.17
C VAL A 222 -19.19 -3.40 7.18
N ILE A 223 -18.63 -3.19 6.00
CA ILE A 223 -19.31 -2.40 4.98
C ILE A 223 -19.90 -3.31 3.90
N VAL A 224 -19.62 -4.60 3.99
CA VAL A 224 -20.14 -5.56 3.03
C VAL A 224 -19.96 -6.97 3.53
N ASN A 225 -20.85 -7.85 3.11
CA ASN A 225 -20.80 -9.25 3.51
C ASN A 225 -20.77 -10.08 2.22
N ARG A 226 -19.63 -10.73 1.98
CA ARG A 226 -19.44 -11.55 0.80
C ARG A 226 -20.45 -12.68 0.61
N THR A 227 -21.08 -13.15 1.68
CA THR A 227 -22.05 -14.25 1.59
C THR A 227 -23.47 -13.74 1.36
N GLN A 228 -23.67 -12.43 1.45
CA GLN A 228 -25.00 -11.83 1.27
C GLN A 228 -24.93 -10.72 0.22
N GLN A 229 -25.14 -11.12 -1.04
CA GLN A 229 -25.09 -10.25 -2.21
C GLN A 229 -24.66 -8.80 -2.00
N GLU A 230 -25.52 -7.84 -2.34
CA GLU A 230 -25.13 -6.45 -2.21
C GLU A 230 -26.18 -5.39 -1.88
N ILE A 231 -26.03 -4.25 -2.53
CA ILE A 231 -26.88 -3.07 -2.37
C ILE A 231 -26.34 -2.27 -1.19
N PRO A 232 -25.12 -1.72 -1.35
CA PRO A 232 -24.46 -0.93 -0.32
C PRO A 232 -25.24 0.35 -0.05
N ASN A 233 -24.98 0.95 1.11
CA ASN A 233 -25.67 2.18 1.48
C ASN A 233 -24.63 3.15 2.04
N ALA A 234 -24.33 4.20 1.27
CA ALA A 234 -23.37 5.21 1.68
C ALA A 234 -23.68 5.72 3.08
N GLU A 235 -24.97 5.86 3.38
CA GLU A 235 -25.41 6.32 4.70
C GLU A 235 -25.00 5.32 5.76
N THR A 236 -25.59 4.13 5.70
CA THR A 236 -25.28 3.07 6.65
C THR A 236 -23.78 2.92 6.78
N MET A 237 -23.13 2.85 5.61
CA MET A 237 -21.69 2.72 5.52
C MET A 237 -20.98 3.83 6.31
N LYS A 238 -21.38 5.07 6.04
CA LYS A 238 -20.80 6.22 6.73
C LYS A 238 -21.10 6.14 8.23
N GLN A 239 -22.25 5.56 8.57
CA GLN A 239 -22.65 5.41 9.96
C GLN A 239 -21.83 4.33 10.65
N THR A 240 -21.48 3.28 9.91
CA THR A 240 -20.69 2.19 10.49
C THR A 240 -19.31 2.70 10.84
N GLU A 241 -18.72 3.48 9.93
CA GLU A 241 -17.40 4.05 10.16
C GLU A 241 -17.43 4.86 11.45
N SER A 242 -18.50 5.64 11.61
CA SER A 242 -18.69 6.48 12.78
C SER A 242 -18.58 5.70 14.11
N HIS A 243 -19.32 4.61 14.23
CA HIS A 243 -19.28 3.79 15.44
C HIS A 243 -17.92 3.17 15.69
N ALA A 244 -17.28 2.69 14.62
CA ALA A 244 -15.97 2.08 14.73
C ALA A 244 -14.97 3.12 15.24
N VAL A 245 -15.07 4.34 14.72
CA VAL A 245 -14.18 5.42 15.12
C VAL A 245 -14.37 5.70 16.61
N LYS A 246 -15.63 5.78 17.04
CA LYS A 246 -15.94 6.05 18.43
C LYS A 246 -15.37 4.95 19.33
N ILE A 247 -15.46 3.71 18.86
CA ILE A 247 -14.96 2.57 19.61
C ILE A 247 -13.44 2.58 19.77
N VAL A 248 -12.73 2.94 18.69
CA VAL A 248 -11.27 2.97 18.75
C VAL A 248 -10.76 4.11 19.64
N VAL A 249 -11.45 5.24 19.62
CA VAL A 249 -11.06 6.37 20.45
C VAL A 249 -11.30 6.02 21.91
N GLU A 250 -12.40 5.33 22.15
CA GLU A 250 -12.75 4.91 23.50
C GLU A 250 -11.74 3.89 24.01
N ALA A 251 -11.26 3.04 23.09
CA ALA A 251 -10.29 2.02 23.46
C ALA A 251 -8.96 2.69 23.82
N ALA A 252 -8.58 3.66 23.01
CA ALA A 252 -7.34 4.39 23.24
C ALA A 252 -7.39 5.01 24.63
N ARG A 253 -8.53 5.58 24.98
CA ARG A 253 -8.72 6.20 26.28
C ARG A 253 -8.42 5.22 27.40
N ARG A 254 -8.82 3.97 27.24
CA ARG A 254 -8.60 2.94 28.24
C ARG A 254 -7.17 2.42 28.21
N LEU A 255 -6.44 2.77 27.16
CA LEU A 255 -5.07 2.31 27.01
C LEU A 255 -4.04 3.36 27.43
N LEU A 256 -4.52 4.59 27.62
CA LEU A 256 -3.64 5.68 28.04
C LEU A 256 -3.29 5.54 29.52
N SER B 7 -18.93 6.56 -10.26
CA SER B 7 -17.65 5.81 -10.40
C SER B 7 -17.91 4.35 -10.77
N ASP B 8 -17.24 3.89 -11.81
CA ASP B 8 -17.40 2.51 -12.26
C ASP B 8 -16.47 1.52 -11.55
N VAL B 9 -15.60 2.05 -10.68
CA VAL B 9 -14.68 1.20 -9.94
C VAL B 9 -14.81 1.49 -8.46
N PHE B 10 -14.37 0.56 -7.61
CA PHE B 10 -14.51 0.75 -6.17
C PHE B 10 -13.59 1.79 -5.53
N HIS B 11 -12.35 1.91 -5.98
CA HIS B 11 -11.43 2.86 -5.34
C HIS B 11 -11.05 4.13 -6.11
N LEU B 12 -10.72 3.99 -7.38
CA LEU B 12 -10.28 5.14 -8.17
C LEU B 12 -11.26 6.29 -8.39
N GLY B 13 -12.55 6.03 -8.23
CA GLY B 13 -13.53 7.09 -8.43
C GLY B 13 -13.45 7.64 -9.84
N LEU B 14 -13.42 6.72 -10.80
CA LEU B 14 -13.33 7.09 -12.22
C LEU B 14 -14.38 6.33 -13.00
N THR B 15 -14.79 6.91 -14.13
CA THR B 15 -15.78 6.27 -14.99
C THR B 15 -15.08 6.02 -16.33
N LYS B 16 -15.53 5.00 -17.04
CA LYS B 16 -14.95 4.64 -18.34
C LYS B 16 -14.81 5.87 -19.25
N ASN B 17 -15.84 6.71 -19.26
CA ASN B 17 -15.82 7.89 -20.10
C ASN B 17 -14.74 8.90 -19.72
N ASP B 18 -14.35 8.91 -18.45
CA ASP B 18 -13.32 9.83 -17.99
C ASP B 18 -12.03 9.66 -18.78
N LEU B 19 -11.72 8.42 -19.14
CA LEU B 19 -10.50 8.09 -19.88
C LEU B 19 -10.55 8.43 -21.36
N GLN B 20 -11.74 8.71 -21.87
CA GLN B 20 -11.91 9.07 -23.27
C GLN B 20 -11.13 8.14 -24.22
N GLY B 21 -11.26 6.84 -24.01
CA GLY B 21 -10.58 5.88 -24.86
C GLY B 21 -9.11 5.61 -24.58
N ALA B 22 -8.60 6.16 -23.48
CA ALA B 22 -7.18 5.96 -23.14
C ALA B 22 -6.91 4.48 -22.89
N THR B 23 -5.75 4.01 -23.35
CA THR B 23 -5.38 2.62 -23.17
C THR B 23 -4.00 2.48 -22.51
N LEU B 24 -3.32 3.60 -22.27
CA LEU B 24 -2.02 3.56 -21.62
C LEU B 24 -2.03 4.47 -20.40
N ALA B 25 -1.37 4.03 -19.34
CA ALA B 25 -1.32 4.83 -18.12
C ALA B 25 0.08 4.84 -17.54
N ILE B 26 0.50 6.01 -17.05
CA ILE B 26 1.80 6.14 -16.42
C ILE B 26 1.43 6.09 -14.94
N VAL B 27 2.06 5.19 -14.20
CA VAL B 27 1.73 5.03 -12.80
C VAL B 27 2.87 5.25 -11.81
N PRO B 28 2.98 6.48 -11.28
CA PRO B 28 4.03 6.79 -10.33
C PRO B 28 3.54 6.29 -8.97
N GLY B 29 4.44 6.21 -8.00
CA GLY B 29 4.03 5.75 -6.68
C GLY B 29 3.48 6.86 -5.80
N ASP B 30 4.04 8.05 -5.98
CA ASP B 30 3.66 9.22 -5.18
C ASP B 30 2.57 10.08 -5.84
N PRO B 31 1.45 10.29 -5.14
CA PRO B 31 0.33 11.09 -5.64
C PRO B 31 0.76 12.48 -6.13
N ASP B 32 1.70 13.08 -5.41
CA ASP B 32 2.20 14.40 -5.74
C ASP B 32 2.95 14.50 -7.06
N ARG B 33 3.33 13.36 -7.63
CA ARG B 33 4.05 13.36 -8.89
C ARG B 33 3.12 13.26 -10.09
N VAL B 34 1.87 12.89 -9.86
CA VAL B 34 0.91 12.75 -10.94
C VAL B 34 0.78 14.02 -11.79
N GLU B 35 0.54 15.16 -11.14
CA GLU B 35 0.41 16.42 -11.87
C GLU B 35 1.66 16.80 -12.64
N LYS B 36 2.83 16.55 -12.04
CA LYS B 36 4.09 16.87 -12.70
C LYS B 36 4.21 16.15 -14.04
N ILE B 37 3.82 14.87 -14.03
CA ILE B 37 3.88 14.04 -15.22
C ILE B 37 2.87 14.49 -16.26
N ALA B 38 1.67 14.79 -15.81
CA ALA B 38 0.60 15.23 -16.70
C ALA B 38 0.96 16.57 -17.34
N ALA B 39 1.67 17.41 -16.60
CA ALA B 39 2.06 18.73 -17.05
C ALA B 39 2.96 18.74 -18.28
N LEU B 40 3.65 17.63 -18.54
CA LEU B 40 4.53 17.56 -19.70
C LEU B 40 3.73 17.26 -20.96
N MET B 41 2.46 16.93 -20.79
CA MET B 41 1.61 16.60 -21.92
C MET B 41 0.58 17.70 -22.16
N ASP B 42 -0.27 17.51 -23.15
CA ASP B 42 -1.27 18.51 -23.51
C ASP B 42 -2.62 18.35 -22.82
N LYS B 43 -3.29 19.49 -22.62
CA LYS B 43 -4.61 19.52 -22.01
C LYS B 43 -4.71 18.66 -20.75
N PRO B 44 -3.77 18.81 -19.81
CA PRO B 44 -3.82 18.02 -18.58
C PRO B 44 -5.00 18.42 -17.70
N VAL B 45 -5.71 17.43 -17.20
CA VAL B 45 -6.87 17.70 -16.34
C VAL B 45 -6.94 16.68 -15.20
N LYS B 46 -7.23 17.16 -14.00
CA LYS B 46 -7.35 16.28 -12.85
C LYS B 46 -8.70 15.58 -12.89
N LEU B 47 -8.71 14.26 -12.72
CA LEU B 47 -9.95 13.50 -12.77
C LEU B 47 -10.50 13.10 -11.40
N ALA B 48 -9.61 12.71 -10.49
CA ALA B 48 -10.05 12.30 -9.18
C ALA B 48 -8.92 12.17 -8.17
N SER B 49 -9.29 12.12 -6.90
CA SER B 49 -8.34 11.99 -5.82
C SER B 49 -9.02 11.29 -4.66
N HIS B 50 -8.64 10.04 -4.42
CA HIS B 50 -9.22 9.27 -3.31
C HIS B 50 -8.14 8.39 -2.71
N ARG B 51 -8.00 8.44 -1.39
CA ARG B 51 -6.98 7.67 -0.71
C ARG B 51 -5.65 8.04 -1.38
N GLU B 52 -4.78 7.06 -1.63
CA GLU B 52 -3.51 7.35 -2.27
C GLU B 52 -3.60 7.35 -3.79
N PHE B 53 -4.82 7.30 -4.32
CA PHE B 53 -5.01 7.27 -5.76
C PHE B 53 -5.43 8.60 -6.39
N THR B 54 -4.47 9.29 -7.01
CA THR B 54 -4.74 10.56 -7.67
C THR B 54 -4.64 10.31 -9.17
N THR B 55 -5.65 10.72 -9.93
CA THR B 55 -5.64 10.49 -11.37
C THR B 55 -5.78 11.78 -12.18
N TRP B 56 -5.03 11.85 -13.26
CA TRP B 56 -5.05 12.99 -14.18
C TRP B 56 -5.11 12.43 -15.59
N ARG B 57 -5.65 13.22 -16.51
CA ARG B 57 -5.74 12.81 -17.90
C ARG B 57 -5.01 13.88 -18.70
N ALA B 58 -4.42 13.48 -19.82
CA ALA B 58 -3.70 14.42 -20.67
C ALA B 58 -3.61 13.86 -22.08
N GLU B 59 -3.14 14.68 -23.00
CA GLU B 59 -3.01 14.26 -24.38
C GLU B 59 -1.56 14.18 -24.80
N LEU B 60 -1.24 13.13 -25.53
CA LEU B 60 0.10 12.91 -26.03
C LEU B 60 -0.05 12.55 -27.50
N ASP B 61 0.40 13.44 -28.37
CA ASP B 61 0.31 13.23 -29.81
C ASP B 61 -1.15 13.00 -30.21
N GLY B 62 -2.05 13.74 -29.57
CA GLY B 62 -3.47 13.61 -29.89
C GLY B 62 -4.14 12.39 -29.33
N LYS B 63 -3.44 11.68 -28.45
CA LYS B 63 -3.99 10.48 -27.83
C LYS B 63 -4.16 10.69 -26.32
N PRO B 64 -5.35 10.39 -25.79
CA PRO B 64 -5.57 10.56 -24.35
C PRO B 64 -4.73 9.57 -23.55
N VAL B 65 -4.07 10.06 -22.51
CA VAL B 65 -3.23 9.24 -21.66
C VAL B 65 -3.59 9.47 -20.20
N ILE B 66 -3.53 8.41 -19.40
CA ILE B 66 -3.84 8.49 -17.98
C ILE B 66 -2.57 8.45 -17.12
N VAL B 67 -2.63 9.14 -15.98
CA VAL B 67 -1.53 9.17 -15.02
C VAL B 67 -2.23 8.92 -13.70
N CYS B 68 -1.83 7.87 -12.99
CA CYS B 68 -2.46 7.51 -11.73
C CYS B 68 -1.46 6.98 -10.72
N SER B 69 -1.48 7.55 -9.52
CA SER B 69 -0.59 7.12 -8.46
C SER B 69 -1.05 5.80 -7.85
N THR B 70 -0.09 4.94 -7.51
CA THR B 70 -0.37 3.63 -6.96
C THR B 70 -0.23 3.59 -5.45
N GLY B 71 0.50 4.55 -4.91
CA GLY B 71 0.74 4.54 -3.47
C GLY B 71 1.92 3.60 -3.31
N ILE B 72 2.47 3.51 -2.11
CA ILE B 72 3.62 2.63 -1.90
C ILE B 72 3.20 1.19 -1.67
N GLY B 73 3.87 0.25 -2.35
CA GLY B 73 3.55 -1.16 -2.15
C GLY B 73 2.66 -1.87 -3.15
N GLY B 74 2.91 -3.16 -3.30
CA GLY B 74 2.13 -3.98 -4.22
C GLY B 74 0.63 -3.98 -3.97
N PRO B 75 0.19 -3.97 -2.70
CA PRO B 75 -1.25 -3.98 -2.44
C PRO B 75 -2.02 -2.85 -3.11
N SER B 76 -1.61 -1.60 -2.85
CA SER B 76 -2.29 -0.46 -3.45
C SER B 76 -2.05 -0.44 -4.96
N THR B 77 -0.89 -0.92 -5.37
CA THR B 77 -0.54 -0.98 -6.80
C THR B 77 -1.47 -1.92 -7.55
N SER B 78 -1.79 -3.07 -6.96
CA SER B 78 -2.65 -4.06 -7.61
C SER B 78 -4.07 -3.55 -7.77
N ILE B 79 -4.52 -2.75 -6.82
CA ILE B 79 -5.86 -2.18 -6.88
C ILE B 79 -5.93 -1.21 -8.04
N ALA B 80 -4.99 -0.27 -8.08
CA ALA B 80 -4.96 0.74 -9.12
C ALA B 80 -4.86 0.13 -10.52
N VAL B 81 -3.96 -0.83 -10.68
CA VAL B 81 -3.76 -1.48 -11.97
C VAL B 81 -5.01 -2.25 -12.38
N GLU B 82 -5.57 -3.01 -11.45
CA GLU B 82 -6.76 -3.81 -11.72
C GLU B 82 -7.93 -2.93 -12.16
N GLU B 83 -8.19 -1.87 -11.40
CA GLU B 83 -9.30 -0.99 -11.71
C GLU B 83 -9.09 -0.18 -12.98
N LEU B 84 -7.83 0.15 -13.28
CA LEU B 84 -7.54 0.89 -14.52
C LEU B 84 -7.77 -0.07 -15.69
N ALA B 85 -7.40 -1.33 -15.50
CA ALA B 85 -7.57 -2.34 -16.54
C ALA B 85 -9.07 -2.50 -16.79
N GLN B 86 -9.86 -2.48 -15.72
CA GLN B 86 -11.31 -2.60 -15.84
C GLN B 86 -11.84 -1.46 -16.70
N LEU B 87 -11.11 -0.35 -16.72
CA LEU B 87 -11.49 0.83 -17.47
C LEU B 87 -10.88 0.90 -18.87
N GLY B 88 -10.17 -0.14 -19.28
CA GLY B 88 -9.59 -0.14 -20.60
C GLY B 88 -8.09 -0.01 -20.75
N ILE B 89 -7.38 0.38 -19.70
CA ILE B 89 -5.92 0.51 -19.81
C ILE B 89 -5.30 -0.87 -20.07
N ARG B 90 -4.42 -0.94 -21.07
CA ARG B 90 -3.77 -2.18 -21.43
C ARG B 90 -2.26 -2.12 -21.31
N THR B 91 -1.73 -0.90 -21.17
CA THR B 91 -0.29 -0.68 -21.05
C THR B 91 0.00 0.18 -19.81
N PHE B 92 0.98 -0.24 -19.03
CA PHE B 92 1.33 0.49 -17.82
C PHE B 92 2.82 0.78 -17.73
N LEU B 93 3.15 2.03 -17.46
CA LEU B 93 4.55 2.44 -17.34
C LEU B 93 4.76 3.02 -15.96
N ARG B 94 5.58 2.36 -15.15
CA ARG B 94 5.84 2.86 -13.83
C ARG B 94 7.10 3.71 -13.78
N ILE B 95 6.98 4.87 -13.12
CA ILE B 95 8.11 5.78 -12.92
C ILE B 95 8.27 5.85 -11.42
N GLY B 96 9.44 5.51 -10.91
CA GLY B 96 9.62 5.58 -9.48
C GLY B 96 10.95 6.17 -9.07
N THR B 97 11.22 6.03 -7.77
CA THR B 97 12.46 6.48 -7.17
C THR B 97 13.08 5.19 -6.67
N THR B 98 14.41 5.14 -6.60
CA THR B 98 15.04 3.90 -6.15
C THR B 98 16.40 4.07 -5.51
N GLY B 99 16.81 3.03 -4.79
CA GLY B 99 18.10 3.02 -4.13
C GLY B 99 19.00 2.02 -4.83
N ALA B 100 20.12 2.49 -5.35
CA ALA B 100 21.06 1.61 -6.04
C ALA B 100 21.88 0.84 -5.04
N ILE B 101 22.28 -0.38 -5.40
CA ILE B 101 23.07 -1.21 -4.52
C ILE B 101 24.37 -1.66 -5.19
N GLN B 102 24.68 -1.06 -6.34
CA GLN B 102 25.90 -1.37 -7.05
C GLN B 102 26.79 -0.12 -7.06
N PRO B 103 28.11 -0.30 -6.91
CA PRO B 103 29.08 0.81 -6.88
C PRO B 103 29.15 1.66 -8.15
N HIS B 104 29.07 1.01 -9.31
CA HIS B 104 29.15 1.69 -10.59
C HIS B 104 27.92 2.52 -10.97
N ILE B 105 26.86 2.44 -10.18
CA ILE B 105 25.65 3.20 -10.46
C ILE B 105 25.65 4.46 -9.61
N ASN B 106 25.39 5.61 -10.21
CA ASN B 106 25.38 6.86 -9.46
C ASN B 106 24.01 7.49 -9.29
N VAL B 107 23.88 8.27 -8.23
CA VAL B 107 22.65 8.99 -7.96
C VAL B 107 22.42 9.85 -9.19
N GLY B 108 21.17 9.91 -9.65
CA GLY B 108 20.88 10.70 -10.82
C GLY B 108 20.73 9.80 -12.03
N ASP B 109 21.33 8.62 -11.97
CA ASP B 109 21.24 7.66 -13.08
C ASP B 109 19.81 7.15 -13.20
N VAL B 110 19.47 6.62 -14.37
CA VAL B 110 18.13 6.10 -14.62
C VAL B 110 18.22 4.59 -14.80
N LEU B 111 17.35 3.85 -14.11
CA LEU B 111 17.38 2.40 -14.20
C LEU B 111 16.14 1.81 -14.85
N VAL B 112 16.36 0.92 -15.82
CA VAL B 112 15.25 0.26 -16.48
C VAL B 112 15.26 -1.20 -16.03
N THR B 113 14.13 -1.65 -15.51
CA THR B 113 14.00 -3.00 -15.00
C THR B 113 13.52 -4.00 -16.05
N THR B 114 14.30 -5.05 -16.26
CA THR B 114 13.96 -6.10 -17.21
C THR B 114 13.08 -7.13 -16.51
N ALA B 115 13.36 -7.36 -15.24
CA ALA B 115 12.61 -8.32 -14.44
C ALA B 115 12.90 -8.03 -12.97
N SER B 116 12.08 -8.54 -12.07
CA SER B 116 12.30 -8.26 -10.66
C SER B 116 12.36 -9.46 -9.73
N VAL B 117 13.14 -9.30 -8.66
CA VAL B 117 13.24 -10.34 -7.63
C VAL B 117 11.97 -10.07 -6.84
N ARG B 118 11.14 -11.09 -6.68
CA ARG B 118 9.86 -10.95 -5.98
C ARG B 118 9.93 -11.04 -4.45
N LEU B 119 10.14 -9.91 -3.81
CA LEU B 119 10.21 -9.85 -2.36
C LEU B 119 8.91 -9.24 -1.84
N ASP B 120 7.84 -9.45 -2.60
CA ASP B 120 6.52 -8.93 -2.25
C ASP B 120 5.55 -10.07 -2.05
N GLY B 121 4.33 -9.73 -1.63
CA GLY B 121 3.33 -10.76 -1.41
C GLY B 121 2.22 -10.73 -2.45
N ALA B 122 1.98 -9.56 -3.03
CA ALA B 122 0.91 -9.40 -4.02
C ALA B 122 1.12 -10.15 -5.33
N SER B 123 2.35 -10.21 -5.80
CA SER B 123 2.63 -10.91 -7.06
C SER B 123 2.17 -12.37 -6.95
N LEU B 124 2.27 -12.93 -5.75
CA LEU B 124 1.87 -14.31 -5.48
C LEU B 124 0.37 -14.51 -5.60
N HIS B 125 -0.38 -13.40 -5.61
CA HIS B 125 -1.82 -13.52 -5.73
C HIS B 125 -2.23 -13.57 -7.20
N PHE B 126 -1.24 -13.54 -8.09
CA PHE B 126 -1.48 -13.60 -9.53
C PHE B 126 -0.76 -14.78 -10.18
N ALA B 127 0.41 -15.12 -9.66
CA ALA B 127 1.18 -16.23 -10.20
C ALA B 127 2.12 -16.78 -9.14
N PRO B 128 2.34 -18.10 -9.12
CA PRO B 128 3.23 -18.71 -8.13
C PRO B 128 4.63 -18.10 -8.27
N LEU B 129 5.43 -18.23 -7.21
CA LEU B 129 6.77 -17.64 -7.20
C LEU B 129 7.68 -17.99 -8.40
N GLU B 130 7.54 -19.20 -8.94
CA GLU B 130 8.39 -19.59 -10.07
C GLU B 130 8.14 -18.78 -11.36
N PHE B 131 7.03 -18.05 -11.42
CA PHE B 131 6.73 -17.23 -12.58
C PHE B 131 7.59 -15.97 -12.50
N PRO B 132 8.20 -15.57 -13.62
CA PRO B 132 9.04 -14.36 -13.61
C PRO B 132 8.29 -13.02 -13.62
N ALA B 133 8.78 -12.10 -12.81
CA ALA B 133 8.23 -10.76 -12.74
C ALA B 133 8.98 -10.00 -13.83
N VAL B 134 8.70 -10.36 -15.08
CA VAL B 134 9.36 -9.77 -16.24
C VAL B 134 8.56 -8.64 -16.89
N ALA B 135 9.29 -7.64 -17.37
CA ALA B 135 8.67 -6.50 -18.03
C ALA B 135 8.37 -6.84 -19.49
N ASP B 136 7.43 -6.11 -20.08
CA ASP B 136 7.06 -6.32 -21.48
C ASP B 136 8.23 -5.87 -22.34
N PHE B 137 8.57 -6.67 -23.34
CA PHE B 137 9.69 -6.34 -24.21
C PHE B 137 9.56 -5.00 -24.93
N GLU B 138 8.37 -4.69 -25.42
CA GLU B 138 8.15 -3.43 -26.12
C GLU B 138 8.29 -2.21 -25.21
N CYS B 139 7.75 -2.30 -23.99
CA CYS B 139 7.84 -1.19 -23.04
C CYS B 139 9.28 -0.97 -22.61
N THR B 140 9.99 -2.07 -22.35
CA THR B 140 11.38 -1.99 -21.95
C THR B 140 12.17 -1.30 -23.06
N THR B 141 11.96 -1.75 -24.30
CA THR B 141 12.63 -1.17 -25.45
C THR B 141 12.36 0.33 -25.54
N ALA B 142 11.09 0.72 -25.46
CA ALA B 142 10.72 2.12 -25.54
C ALA B 142 11.43 2.94 -24.46
N LEU B 143 11.46 2.41 -23.24
CA LEU B 143 12.12 3.10 -22.13
C LEU B 143 13.61 3.27 -22.38
N VAL B 144 14.25 2.22 -22.90
CA VAL B 144 15.68 2.28 -23.19
C VAL B 144 15.95 3.37 -24.23
N GLU B 145 15.20 3.35 -25.34
CA GLU B 145 15.37 4.32 -26.41
C GLU B 145 15.10 5.73 -25.90
N ALA B 146 14.01 5.88 -25.17
CA ALA B 146 13.63 7.18 -24.63
C ALA B 146 14.75 7.72 -23.75
N ALA B 147 15.35 6.86 -22.93
CA ALA B 147 16.44 7.29 -22.07
C ALA B 147 17.60 7.78 -22.93
N LYS B 148 17.88 7.03 -23.99
CA LYS B 148 18.96 7.38 -24.90
C LYS B 148 18.67 8.69 -25.61
N SER B 149 17.42 8.88 -26.02
CA SER B 149 17.04 10.09 -26.74
C SER B 149 17.39 11.38 -26.00
N ILE B 150 17.46 11.34 -24.67
CA ILE B 150 17.82 12.55 -23.93
C ILE B 150 19.21 12.47 -23.35
N GLY B 151 19.91 11.38 -23.64
CA GLY B 151 21.27 11.20 -23.16
C GLY B 151 21.44 10.99 -21.67
N ALA B 152 20.53 10.24 -21.05
CA ALA B 152 20.61 9.99 -19.62
C ALA B 152 21.49 8.77 -19.39
N THR B 153 22.31 8.79 -18.33
CA THR B 153 23.16 7.66 -18.02
C THR B 153 22.21 6.57 -17.55
N THR B 154 22.12 5.50 -18.33
CA THR B 154 21.18 4.43 -18.05
C THR B 154 21.76 3.04 -17.77
N HIS B 155 21.06 2.29 -16.94
CA HIS B 155 21.44 0.93 -16.59
C HIS B 155 20.21 0.05 -16.73
N VAL B 156 20.38 -1.08 -17.41
CA VAL B 156 19.30 -2.03 -17.65
C VAL B 156 19.62 -3.34 -16.93
N GLY B 157 18.64 -3.87 -16.21
CA GLY B 157 18.86 -5.13 -15.49
C GLY B 157 17.78 -5.50 -14.49
N VAL B 158 18.15 -6.37 -13.55
CA VAL B 158 17.26 -6.87 -12.51
C VAL B 158 17.13 -5.94 -11.29
N THR B 159 15.92 -5.88 -10.75
CA THR B 159 15.62 -5.04 -9.60
C THR B 159 14.98 -5.87 -8.47
N ALA B 160 15.35 -5.57 -7.24
CA ALA B 160 14.78 -6.26 -6.08
C ALA B 160 13.61 -5.42 -5.60
N SER B 161 12.41 -5.98 -5.69
CA SER B 161 11.18 -5.26 -5.31
C SER B 161 10.68 -5.77 -3.95
N SER B 162 10.85 -4.95 -2.93
CA SER B 162 10.49 -5.30 -1.55
C SER B 162 9.17 -4.76 -0.96
N ASP B 163 8.50 -5.59 -0.16
CA ASP B 163 7.26 -5.19 0.49
C ASP B 163 7.55 -4.23 1.65
N THR B 164 8.82 -4.08 2.02
CA THR B 164 9.19 -3.16 3.09
C THR B 164 10.33 -2.24 2.70
N PHE B 165 10.33 -1.03 3.26
CA PHE B 165 11.37 -0.07 2.98
C PHE B 165 12.59 -0.36 3.84
N TYR B 166 12.37 -0.92 5.02
CA TYR B 166 13.48 -1.20 5.95
C TYR B 166 14.10 -2.60 6.02
N PRO B 167 13.51 -3.55 6.79
CA PRO B 167 14.17 -4.87 6.83
C PRO B 167 14.32 -5.57 5.47
N GLY B 168 13.29 -5.50 4.64
CA GLY B 168 13.36 -6.13 3.33
C GLY B 168 14.50 -5.60 2.47
N GLN B 169 14.96 -4.40 2.78
CA GLN B 169 16.06 -3.76 2.06
C GLN B 169 17.27 -3.71 2.98
N GLU B 170 17.21 -4.58 3.99
CA GLU B 170 18.23 -4.74 5.02
C GLU B 170 18.78 -3.43 5.59
N ARG B 171 17.87 -2.58 6.07
CA ARG B 171 18.26 -1.32 6.70
C ARG B 171 18.25 -1.61 8.20
N TYR B 172 19.30 -1.18 8.91
CA TYR B 172 19.38 -1.43 10.35
C TYR B 172 19.14 -0.15 11.16
N ASP B 173 19.19 1.00 10.51
CA ASP B 173 18.97 2.28 11.16
C ASP B 173 17.48 2.37 11.51
N THR B 174 17.00 1.42 12.31
CA THR B 174 15.59 1.38 12.65
C THR B 174 15.29 1.35 14.14
N TYR B 175 14.01 1.30 14.46
CA TYR B 175 13.59 1.24 15.85
C TYR B 175 14.16 0.01 16.54
N SER B 176 14.01 -1.15 15.90
CA SER B 176 14.52 -2.40 16.48
C SER B 176 16.00 -2.60 16.19
N GLY B 177 16.47 -2.02 15.08
CA GLY B 177 17.87 -2.16 14.71
C GLY B 177 18.19 -3.61 14.45
N ARG B 178 17.18 -4.37 14.04
CA ARG B 178 17.34 -5.79 13.77
C ARG B 178 16.64 -6.19 12.45
N VAL B 179 17.17 -7.21 11.78
CA VAL B 179 16.59 -7.70 10.54
C VAL B 179 16.35 -9.19 10.68
N VAL B 180 15.13 -9.63 10.40
CA VAL B 180 14.75 -11.03 10.51
C VAL B 180 15.74 -11.89 9.71
N ARG B 181 15.99 -13.10 10.21
CA ARG B 181 16.94 -14.03 9.59
C ARG B 181 16.90 -14.17 8.08
N HIS B 182 15.71 -14.40 7.53
CA HIS B 182 15.56 -14.56 6.09
C HIS B 182 16.23 -13.43 5.30
N PHE B 183 16.14 -12.21 5.80
CA PHE B 183 16.72 -11.08 5.10
C PHE B 183 18.09 -10.62 5.57
N LYS B 184 18.62 -11.25 6.61
CA LYS B 184 19.93 -10.87 7.10
C LYS B 184 20.97 -11.26 6.05
N GLY B 185 21.83 -10.31 5.68
CA GLY B 185 22.85 -10.58 4.68
C GLY B 185 22.29 -10.69 3.27
N SER B 186 21.01 -10.33 3.11
CA SER B 186 20.35 -10.42 1.80
C SER B 186 20.81 -9.41 0.75
N MET B 187 21.12 -8.18 1.16
CA MET B 187 21.55 -7.19 0.19
C MET B 187 22.83 -7.63 -0.51
N GLU B 188 23.79 -8.13 0.27
CA GLU B 188 25.06 -8.57 -0.29
C GLU B 188 24.82 -9.67 -1.33
N GLU B 189 23.88 -10.56 -1.03
CA GLU B 189 23.54 -11.65 -1.94
C GLU B 189 23.03 -11.08 -3.27
N TRP B 190 22.10 -10.13 -3.19
CA TRP B 190 21.55 -9.51 -4.38
C TRP B 190 22.66 -8.81 -5.17
N GLN B 191 23.55 -8.14 -4.45
CA GLN B 191 24.66 -7.43 -5.08
C GLN B 191 25.52 -8.37 -5.92
N ALA B 192 25.91 -9.50 -5.33
CA ALA B 192 26.73 -10.49 -6.01
C ALA B 192 25.98 -11.06 -7.21
N MET B 193 24.65 -10.95 -7.21
CA MET B 193 23.87 -11.47 -8.30
C MET B 193 23.63 -10.44 -9.40
N GLY B 194 24.20 -9.25 -9.23
CA GLY B 194 24.05 -8.20 -10.23
C GLY B 194 22.79 -7.34 -10.11
N VAL B 195 21.96 -7.58 -9.11
CA VAL B 195 20.75 -6.76 -8.96
C VAL B 195 21.20 -5.31 -8.86
N MET B 196 20.51 -4.42 -9.58
CA MET B 196 20.87 -3.01 -9.58
C MET B 196 20.30 -2.17 -8.46
N ASN B 197 19.07 -2.45 -8.06
CA ASN B 197 18.42 -1.59 -7.08
C ASN B 197 17.27 -2.19 -6.29
N TYR B 198 16.79 -1.39 -5.34
CA TYR B 198 15.67 -1.72 -4.46
C TYR B 198 14.58 -0.68 -4.69
N GLU B 199 13.34 -1.15 -4.80
CA GLU B 199 12.18 -0.29 -4.96
C GLU B 199 11.01 -1.14 -4.44
N MET B 200 9.79 -0.63 -4.44
CA MET B 200 8.70 -1.38 -3.83
C MET B 200 7.42 -1.68 -4.59
N GLU B 201 7.42 -1.62 -5.93
CA GLU B 201 6.19 -1.91 -6.66
C GLU B 201 6.36 -2.72 -7.93
N SER B 202 7.58 -2.78 -8.47
CA SER B 202 7.78 -3.50 -9.73
C SER B 202 7.43 -4.99 -9.73
N ALA B 203 7.77 -5.71 -8.68
CA ALA B 203 7.45 -7.14 -8.62
C ALA B 203 5.96 -7.36 -8.82
N THR B 204 5.15 -6.64 -8.05
CA THR B 204 3.71 -6.77 -8.19
C THR B 204 3.24 -6.31 -9.56
N LEU B 205 3.71 -5.15 -9.99
CA LEU B 205 3.31 -4.62 -11.29
C LEU B 205 3.62 -5.55 -12.46
N LEU B 206 4.89 -5.93 -12.59
CA LEU B 206 5.30 -6.79 -13.69
C LEU B 206 4.65 -8.17 -13.69
N THR B 207 4.52 -8.77 -12.51
CA THR B 207 3.93 -10.10 -12.42
C THR B 207 2.47 -10.10 -12.80
N MET B 208 1.68 -9.23 -12.15
CA MET B 208 0.26 -9.17 -12.42
C MET B 208 -0.01 -8.79 -13.88
N CYS B 209 0.84 -7.97 -14.48
CA CYS B 209 0.64 -7.59 -15.87
C CYS B 209 1.07 -8.71 -16.82
N ALA B 210 2.29 -9.22 -16.61
CA ALA B 210 2.82 -10.29 -17.45
C ALA B 210 1.95 -11.56 -17.44
N SER B 211 1.21 -11.78 -16.35
CA SER B 211 0.36 -12.97 -16.27
C SER B 211 -1.10 -12.74 -16.64
N GLN B 212 -1.43 -11.53 -17.07
CA GLN B 212 -2.80 -11.20 -17.44
C GLN B 212 -2.95 -10.51 -18.79
N GLY B 213 -1.96 -10.69 -19.68
CA GLY B 213 -2.04 -10.07 -20.99
C GLY B 213 -1.93 -8.56 -21.03
N LEU B 214 -1.31 -7.97 -20.00
CA LEU B 214 -1.13 -6.53 -19.95
C LEU B 214 0.34 -6.20 -20.12
N ARG B 215 0.65 -5.13 -20.86
CA ARG B 215 2.04 -4.74 -21.07
C ARG B 215 2.50 -3.79 -19.98
N ALA B 216 3.70 -4.02 -19.44
CA ALA B 216 4.21 -3.14 -18.39
C ALA B 216 5.70 -2.85 -18.54
N GLY B 217 6.06 -1.63 -18.17
CA GLY B 217 7.45 -1.19 -18.20
C GLY B 217 7.77 -0.56 -16.87
N MET B 218 9.05 -0.53 -16.52
CA MET B 218 9.47 0.01 -15.23
C MET B 218 10.77 0.82 -15.32
N VAL B 219 10.71 2.09 -14.91
CA VAL B 219 11.89 2.94 -14.92
C VAL B 219 11.94 3.73 -13.63
N ALA B 220 13.13 3.89 -13.06
CA ALA B 220 13.26 4.65 -11.83
C ALA B 220 14.55 5.45 -11.78
N GLY B 221 14.50 6.57 -11.05
CA GLY B 221 15.66 7.42 -10.90
C GLY B 221 16.32 7.15 -9.56
N VAL B 222 17.65 7.08 -9.57
CA VAL B 222 18.43 6.81 -8.37
C VAL B 222 18.57 8.04 -7.48
N ILE B 223 17.97 7.99 -6.28
CA ILE B 223 18.05 9.11 -5.35
C ILE B 223 19.04 8.81 -4.23
N VAL B 224 19.54 7.58 -4.20
CA VAL B 224 20.51 7.19 -3.19
C VAL B 224 21.20 5.89 -3.59
N ASN B 225 22.44 5.72 -3.13
CA ASN B 225 23.21 4.52 -3.43
C ASN B 225 23.65 3.92 -2.10
N ARG B 226 23.09 2.75 -1.79
CA ARG B 226 23.38 2.06 -0.54
C ARG B 226 24.85 1.72 -0.29
N THR B 227 25.66 1.61 -1.35
CA THR B 227 27.07 1.28 -1.19
C THR B 227 27.96 2.51 -0.99
N GLN B 228 27.36 3.70 -1.04
CA GLN B 228 28.15 4.90 -0.88
C GLN B 228 27.33 6.07 -0.36
N MET B 237 18.13 15.55 -6.53
CA MET B 237 17.04 14.59 -6.36
C MET B 237 15.83 15.02 -7.17
N LYS B 238 15.42 16.27 -7.02
CA LYS B 238 14.27 16.79 -7.76
C LYS B 238 14.59 16.80 -9.25
N GLN B 239 15.87 16.96 -9.59
CA GLN B 239 16.29 16.99 -10.98
C GLN B 239 16.27 15.59 -11.58
N THR B 240 16.59 14.59 -10.76
CA THR B 240 16.60 13.21 -11.22
C THR B 240 15.17 12.79 -11.56
N GLU B 241 14.22 13.14 -10.70
CA GLU B 241 12.81 12.82 -10.93
C GLU B 241 12.39 13.40 -12.27
N SER B 242 12.84 14.64 -12.52
CA SER B 242 12.52 15.36 -13.75
C SER B 242 12.89 14.56 -15.00
N HIS B 243 14.13 14.09 -15.07
CA HIS B 243 14.58 13.32 -16.22
C HIS B 243 13.83 12.01 -16.37
N ALA B 244 13.58 11.33 -15.26
CA ALA B 244 12.87 10.06 -15.31
C ALA B 244 11.45 10.28 -15.84
N VAL B 245 10.82 11.38 -15.42
CA VAL B 245 9.47 11.70 -15.87
C VAL B 245 9.46 11.90 -17.38
N LYS B 246 10.41 12.65 -17.89
CA LYS B 246 10.49 12.90 -19.32
C LYS B 246 10.67 11.58 -20.06
N ILE B 247 11.56 10.76 -19.56
CA ILE B 247 11.85 9.47 -20.17
C ILE B 247 10.60 8.59 -20.26
N VAL B 248 9.79 8.57 -19.22
CA VAL B 248 8.60 7.73 -19.23
C VAL B 248 7.53 8.29 -20.16
N VAL B 249 7.46 9.61 -20.28
CA VAL B 249 6.48 10.23 -21.16
C VAL B 249 6.91 9.96 -22.59
N GLU B 250 8.22 10.03 -22.84
CA GLU B 250 8.79 9.80 -24.16
C GLU B 250 8.57 8.35 -24.55
N ALA B 251 8.65 7.45 -23.57
CA ALA B 251 8.45 6.03 -23.81
C ALA B 251 7.00 5.78 -24.18
N ALA B 252 6.10 6.42 -23.43
CA ALA B 252 4.67 6.28 -23.67
C ALA B 252 4.36 6.70 -25.12
N ARG B 253 5.00 7.78 -25.54
CA ARG B 253 4.81 8.30 -26.90
C ARG B 253 5.13 7.24 -27.95
N ARG B 254 6.21 6.49 -27.70
CA ARG B 254 6.63 5.44 -28.62
C ARG B 254 5.76 4.19 -28.49
N LEU B 255 4.93 4.13 -27.45
CA LEU B 255 4.08 2.98 -27.24
C LEU B 255 2.65 3.21 -27.70
N LEU B 256 2.33 4.46 -27.99
CA LEU B 256 0.99 4.82 -28.47
C LEU B 256 0.83 4.39 -29.92
#